data_1JOC
#
_entry.id   1JOC
#
_cell.length_a   36.528
_cell.length_b   85.096
_cell.length_c   88.036
_cell.angle_alpha   90.00
_cell.angle_beta   90.00
_cell.angle_gamma   90.00
#
_symmetry.space_group_name_H-M   'P 21 21 21'
#
loop_
_entity.id
_entity.type
_entity.pdbx_description
1 polymer 'Early Endosomal Autoantigen 1'
2 non-polymer 'ZINC ION'
3 non-polymer 'PHOSPHORIC ACID MONO-(2,3,4,6-TETRAHYDROXY-5-PHOSPHONOOXY-CYCLOHEXYL) ESTER'
4 water water
#
_entity_poly.entity_id   1
_entity_poly.type   'polypeptide(L)'
_entity_poly.pdbx_seq_one_letter_code
;NNQDERRALLERCLKGEGEIEKLQTKVLELQRKLDNTTAAVQELGRENQSLQIKHTQALNRKWAEDNEVQNCMACGKGFS
VTVRRHHCRQCGNIFCAECSAKNALTPSSKKPVRVCDACFNDLQG
;
_entity_poly.pdbx_strand_id   A,B
#
# COMPACT_ATOMS: atom_id res chain seq x y z
N GLN A 3 -1.92 -45.25 52.56
CA GLN A 3 -0.46 -45.19 52.60
C GLN A 3 0.10 -44.92 51.21
N ASP A 4 0.14 -45.96 50.39
CA ASP A 4 0.60 -45.80 49.00
C ASP A 4 -0.50 -45.14 48.16
N GLU A 5 -1.71 -45.20 48.73
CA GLU A 5 -2.90 -44.63 48.09
C GLU A 5 -2.77 -43.10 47.99
N ARG A 6 -2.49 -42.43 49.10
CA ARG A 6 -2.37 -40.99 49.09
C ARG A 6 -1.06 -40.59 48.42
N ARG A 7 -0.07 -41.48 48.49
CA ARG A 7 1.24 -41.23 47.87
C ARG A 7 1.09 -41.06 46.35
N ALA A 8 0.07 -41.70 45.78
CA ALA A 8 -0.18 -41.62 44.34
C ALA A 8 -1.17 -40.50 43.99
N LEU A 9 -2.04 -40.16 44.93
CA LEU A 9 -3.02 -39.10 44.73
C LEU A 9 -2.35 -37.73 44.74
N LEU A 10 -1.32 -37.60 45.56
CA LEU A 10 -0.57 -36.35 45.65
C LEU A 10 0.12 -36.15 44.30
N GLU A 11 0.65 -37.24 43.76
CA GLU A 11 1.33 -37.24 42.47
C GLU A 11 0.37 -36.69 41.43
N ARG A 12 -0.79 -37.33 41.34
CA ARG A 12 -1.84 -36.95 40.40
C ARG A 12 -2.22 -35.47 40.61
N CYS A 13 -2.33 -35.07 41.87
CA CYS A 13 -2.68 -33.70 42.22
C CYS A 13 -1.54 -32.72 41.94
N LEU A 14 -0.39 -32.93 42.58
CA LEU A 14 0.76 -32.06 42.35
C LEU A 14 1.02 -31.91 40.85
N LYS A 15 0.98 -33.03 40.13
CA LYS A 15 1.22 -33.02 38.67
C LYS A 15 0.14 -32.20 37.98
N GLY A 16 -1.07 -32.20 38.52
CA GLY A 16 -2.18 -31.45 37.92
C GLY A 16 -2.10 -29.96 38.18
N GLU A 17 -1.82 -29.58 39.43
CA GLU A 17 -1.71 -28.18 39.78
C GLU A 17 -0.52 -27.58 39.04
N GLY A 18 0.31 -28.45 38.45
CA GLY A 18 1.48 -28.02 37.71
C GLY A 18 1.18 -27.85 36.23
N GLU A 19 0.39 -28.78 35.69
CA GLU A 19 -0.02 -28.69 34.29
C GLU A 19 -0.83 -27.40 34.07
N ILE A 20 -1.57 -27.06 35.15
CA ILE A 20 -2.38 -25.85 35.17
C ILE A 20 -1.51 -24.61 35.02
N GLU A 21 -0.56 -24.46 35.94
CA GLU A 21 0.35 -23.30 35.91
C GLU A 21 1.00 -23.14 34.55
N LYS A 22 1.32 -24.26 33.89
CA LYS A 22 1.93 -24.22 32.58
C LYS A 22 0.93 -23.69 31.56
N LEU A 23 -0.23 -24.33 31.50
CA LEU A 23 -1.28 -23.94 30.58
C LEU A 23 -1.59 -22.45 30.71
N GLN A 24 -1.73 -21.98 31.94
CA GLN A 24 -2.02 -20.57 32.20
C GLN A 24 -0.97 -19.65 31.58
N THR A 25 0.29 -20.07 31.65
CA THR A 25 1.38 -19.28 31.09
C THR A 25 1.31 -19.25 29.58
N LYS A 26 1.00 -20.40 28.99
CA LYS A 26 0.87 -20.51 27.54
C LYS A 26 -0.24 -19.56 27.09
N VAL A 27 -1.29 -19.46 27.89
CA VAL A 27 -2.43 -18.59 27.58
C VAL A 27 -2.05 -17.11 27.59
N LEU A 28 -1.34 -16.65 28.61
CA LEU A 28 -0.94 -15.25 28.65
C LEU A 28 0.01 -14.98 27.48
N GLU A 29 0.74 -16.01 27.07
CA GLU A 29 1.68 -15.91 25.95
C GLU A 29 0.94 -15.67 24.64
N LEU A 30 0.11 -16.62 24.25
CA LEU A 30 -0.67 -16.53 23.02
C LEU A 30 -1.50 -15.24 23.00
N GLN A 31 -1.96 -14.83 24.17
CA GLN A 31 -2.78 -13.63 24.29
C GLN A 31 -2.04 -12.40 23.79
N ARG A 32 -0.83 -12.20 24.30
CA ARG A 32 -0.02 -11.05 23.92
C ARG A 32 0.34 -11.07 22.45
N LYS A 33 0.71 -12.25 21.97
CA LYS A 33 1.06 -12.43 20.56
C LYS A 33 -0.16 -12.19 19.69
N LEU A 34 -1.33 -12.54 20.21
CA LEU A 34 -2.59 -12.34 19.48
C LEU A 34 -2.88 -10.84 19.46
N ASP A 35 -2.71 -10.20 20.60
CA ASP A 35 -2.93 -8.77 20.71
C ASP A 35 -1.96 -8.06 19.79
N ASN A 36 -0.72 -8.56 19.75
CA ASN A 36 0.32 -7.96 18.91
C ASN A 36 0.01 -8.05 17.42
N THR A 37 -0.34 -9.25 16.94
CA THR A 37 -0.64 -9.45 15.53
C THR A 37 -1.97 -8.83 15.12
N THR A 38 -2.89 -8.70 16.07
CA THR A 38 -4.19 -8.10 15.79
C THR A 38 -4.02 -6.61 15.56
N ALA A 39 -3.13 -6.00 16.33
CA ALA A 39 -2.87 -4.57 16.21
C ALA A 39 -2.24 -4.24 14.86
N ALA A 40 -1.44 -5.17 14.35
CA ALA A 40 -0.76 -4.97 13.09
C ALA A 40 -1.66 -5.18 11.87
N VAL A 41 -2.54 -6.16 11.94
CA VAL A 41 -3.44 -6.45 10.83
C VAL A 41 -4.49 -5.33 10.69
N GLN A 42 -4.73 -4.61 11.78
CA GLN A 42 -5.69 -3.52 11.76
C GLN A 42 -5.03 -2.31 11.13
N GLU A 43 -3.74 -2.13 11.40
CA GLU A 43 -3.00 -1.02 10.84
C GLU A 43 -2.85 -1.24 9.33
N LEU A 44 -2.81 -2.50 8.91
CA LEU A 44 -2.71 -2.85 7.50
C LEU A 44 -4.02 -2.57 6.79
N GLY A 45 -5.13 -2.79 7.50
CA GLY A 45 -6.44 -2.53 6.91
C GLY A 45 -6.63 -1.06 6.63
N ARG A 46 -6.21 -0.21 7.58
CA ARG A 46 -6.33 1.24 7.43
C ARG A 46 -5.43 1.72 6.31
N GLU A 47 -4.19 1.25 6.33
CA GLU A 47 -3.20 1.62 5.33
C GLU A 47 -3.61 1.23 3.93
N ASN A 48 -4.30 0.10 3.78
CA ASN A 48 -4.74 -0.34 2.47
C ASN A 48 -5.85 0.55 1.93
N GLN A 49 -6.70 1.06 2.81
CA GLN A 49 -7.76 1.94 2.36
C GLN A 49 -7.16 3.30 2.06
N SER A 50 -6.17 3.69 2.86
CA SER A 50 -5.48 4.97 2.66
C SER A 50 -4.80 5.00 1.29
N LEU A 51 -4.14 3.89 0.95
CA LEU A 51 -3.45 3.77 -0.33
C LEU A 51 -4.37 3.73 -1.55
N GLN A 52 -5.37 2.85 -1.51
CA GLN A 52 -6.31 2.74 -2.61
C GLN A 52 -6.95 4.07 -2.93
N ILE A 53 -7.25 4.84 -1.88
CA ILE A 53 -7.87 6.15 -2.03
C ILE A 53 -6.93 7.16 -2.70
N LYS A 54 -5.68 7.22 -2.25
CA LYS A 54 -4.69 8.14 -2.82
C LYS A 54 -4.41 7.80 -4.27
N HIS A 55 -4.30 6.50 -4.57
CA HIS A 55 -4.05 6.05 -5.93
C HIS A 55 -5.19 6.49 -6.83
N THR A 56 -6.40 6.45 -6.29
CA THR A 56 -7.58 6.85 -7.04
C THR A 56 -7.50 8.35 -7.35
N GLN A 57 -7.21 9.14 -6.33
CA GLN A 57 -7.11 10.60 -6.47
C GLN A 57 -5.97 11.04 -7.41
N ALA A 58 -4.96 10.19 -7.54
CA ALA A 58 -3.83 10.47 -8.42
C ALA A 58 -4.20 10.22 -9.88
N LEU A 59 -5.22 9.38 -10.08
CA LEU A 59 -5.67 9.03 -11.44
C LEU A 59 -6.59 10.06 -12.08
N ASN A 60 -7.35 10.76 -11.24
CA ASN A 60 -8.31 11.78 -11.69
C ASN A 60 -7.55 13.03 -12.17
N ARG A 61 -6.38 13.27 -11.60
CA ARG A 61 -5.55 14.43 -11.95
C ARG A 61 -5.76 14.92 -13.39
N LYS A 62 -6.03 16.19 -13.50
CA LYS A 62 -6.21 16.88 -14.79
C LYS A 62 -5.72 18.33 -14.69
N TRP A 63 -5.28 18.90 -15.79
CA TRP A 63 -4.77 20.26 -15.87
C TRP A 63 -5.88 21.22 -15.46
N ALA A 64 -5.66 21.93 -14.36
CA ALA A 64 -6.65 22.87 -13.84
C ALA A 64 -6.91 24.09 -14.73
N GLU A 65 -8.14 24.58 -14.65
CA GLU A 65 -8.56 25.78 -15.38
C GLU A 65 -8.22 27.03 -14.57
N ASP A 66 -7.54 27.97 -15.18
CA ASP A 66 -7.11 29.19 -14.49
C ASP A 66 -8.11 29.85 -13.56
N ASN A 67 -9.24 30.28 -14.11
CA ASN A 67 -10.28 30.96 -13.35
C ASN A 67 -10.90 30.17 -12.22
N GLU A 68 -10.66 28.87 -12.21
CA GLU A 68 -11.17 28.00 -11.15
C GLU A 68 -10.30 28.10 -9.90
N VAL A 69 -9.05 28.51 -10.09
CA VAL A 69 -8.10 28.65 -8.99
C VAL A 69 -7.72 30.12 -8.81
N GLN A 70 -8.09 30.72 -7.68
CA GLN A 70 -7.78 32.12 -7.42
C GLN A 70 -6.60 32.34 -6.49
N ASN A 71 -6.10 31.27 -5.87
CA ASN A 71 -4.96 31.37 -4.94
C ASN A 71 -4.02 30.20 -5.17
N CYS A 72 -2.74 30.39 -4.81
CA CYS A 72 -1.73 29.35 -4.98
C CYS A 72 -2.14 28.13 -4.17
N MET A 73 -2.31 27.00 -4.86
CA MET A 73 -2.72 25.77 -4.19
C MET A 73 -1.74 25.23 -3.17
N ALA A 74 -0.61 25.92 -2.99
CA ALA A 74 0.37 25.48 -2.02
C ALA A 74 0.50 26.44 -0.83
N CYS A 75 0.71 27.72 -1.11
CA CYS A 75 0.84 28.72 -0.03
C CYS A 75 -0.39 29.60 0.15
N GLY A 76 -1.37 29.48 -0.74
CA GLY A 76 -2.56 30.28 -0.61
C GLY A 76 -2.47 31.71 -1.15
N LYS A 77 -1.27 32.12 -1.56
CA LYS A 77 -1.09 33.46 -2.12
C LYS A 77 -2.09 33.73 -3.24
N GLY A 78 -2.62 34.95 -3.29
CA GLY A 78 -3.59 35.28 -4.30
C GLY A 78 -2.96 35.71 -5.62
N PHE A 79 -3.59 35.31 -6.72
CA PHE A 79 -3.11 35.65 -8.06
C PHE A 79 -3.58 37.04 -8.52
N SER A 80 -2.80 37.64 -9.41
CA SER A 80 -3.08 38.97 -9.94
C SER A 80 -2.24 39.20 -11.19
N VAL A 81 -1.99 40.48 -11.54
CA VAL A 81 -1.16 40.80 -12.70
C VAL A 81 0.30 40.66 -12.32
N THR A 82 0.60 40.85 -11.04
CA THR A 82 1.97 40.74 -10.55
C THR A 82 2.29 39.36 -10.02
N VAL A 83 1.26 38.61 -9.67
CA VAL A 83 1.43 37.25 -9.17
C VAL A 83 0.71 36.34 -10.16
N ARG A 84 1.44 35.86 -11.16
CA ARG A 84 0.89 35.02 -12.22
C ARG A 84 0.79 33.52 -11.91
N ARG A 85 0.06 32.82 -12.77
CA ARG A 85 -0.18 31.39 -12.62
C ARG A 85 0.80 30.50 -13.33
N HIS A 86 1.03 29.34 -12.72
CA HIS A 86 1.93 28.32 -13.24
C HIS A 86 1.28 26.99 -12.89
N HIS A 87 1.57 25.96 -13.67
CA HIS A 87 1.02 24.63 -13.44
C HIS A 87 2.10 23.61 -13.13
N CYS A 88 1.70 22.54 -12.44
CA CYS A 88 2.60 21.45 -12.14
C CYS A 88 2.26 20.39 -13.19
N ARG A 89 3.26 19.95 -13.94
CA ARG A 89 3.04 18.95 -14.98
C ARG A 89 2.78 17.56 -14.39
N GLN A 90 2.85 17.47 -13.07
CA GLN A 90 2.63 16.22 -12.37
C GLN A 90 1.23 16.07 -11.79
N CYS A 91 0.75 17.10 -11.10
CA CYS A 91 -0.58 17.02 -10.52
C CYS A 91 -1.62 17.85 -11.24
N GLY A 92 -1.16 18.72 -12.13
CA GLY A 92 -2.06 19.57 -12.88
C GLY A 92 -2.59 20.78 -12.13
N ASN A 93 -2.17 20.96 -10.87
CA ASN A 93 -2.61 22.09 -10.06
C ASN A 93 -1.89 23.39 -10.41
N ILE A 94 -2.42 24.50 -9.90
CA ILE A 94 -1.89 25.83 -10.14
C ILE A 94 -1.19 26.44 -8.92
N PHE A 95 0.00 26.97 -9.14
CA PHE A 95 0.80 27.58 -8.07
C PHE A 95 1.50 28.85 -8.54
N CYS A 96 2.02 29.61 -7.57
CA CYS A 96 2.78 30.81 -7.86
C CYS A 96 4.18 30.29 -8.25
N ALA A 97 5.07 31.17 -8.67
CA ALA A 97 6.41 30.76 -9.08
C ALA A 97 7.28 30.20 -7.94
N GLU A 98 7.10 30.74 -6.74
CA GLU A 98 7.88 30.29 -5.59
C GLU A 98 7.46 28.91 -5.09
N CYS A 99 6.26 28.48 -5.47
CA CYS A 99 5.78 27.17 -5.08
C CYS A 99 5.95 26.16 -6.20
N SER A 100 6.68 26.56 -7.25
CA SER A 100 6.96 25.73 -8.41
C SER A 100 8.24 26.21 -9.08
N ALA A 101 9.27 26.45 -8.26
CA ALA A 101 10.56 26.95 -8.73
C ALA A 101 11.51 25.84 -9.17
N LYS A 102 11.05 24.59 -9.09
CA LYS A 102 11.88 23.46 -9.46
C LYS A 102 11.33 22.69 -10.64
N ASN A 103 12.23 22.25 -11.51
CA ASN A 103 11.86 21.45 -12.67
C ASN A 103 12.32 20.02 -12.37
N ALA A 104 11.61 19.04 -12.92
CA ALA A 104 11.95 17.64 -12.68
C ALA A 104 11.68 16.78 -13.91
N LEU A 105 12.31 15.59 -13.94
CA LEU A 105 12.13 14.66 -15.03
C LEU A 105 10.86 13.86 -14.78
N THR A 106 9.92 14.00 -15.71
CA THR A 106 8.63 13.33 -15.61
C THR A 106 8.44 12.51 -16.88
N PRO A 107 7.36 11.72 -16.96
CA PRO A 107 7.09 10.89 -18.14
C PRO A 107 6.49 11.67 -19.30
N SER A 108 6.22 12.96 -19.10
CA SER A 108 5.59 13.79 -20.15
C SER A 108 6.54 14.48 -21.13
N SER A 109 7.80 14.64 -20.76
CA SER A 109 8.76 15.30 -21.63
C SER A 109 10.17 14.76 -21.39
N LYS A 110 11.02 14.86 -22.42
CA LYS A 110 12.40 14.40 -22.32
C LYS A 110 13.17 15.36 -21.44
N LYS A 111 12.84 16.63 -21.59
CA LYS A 111 13.44 17.71 -20.80
C LYS A 111 12.63 17.97 -19.54
N PRO A 112 13.30 18.22 -18.42
CA PRO A 112 12.58 18.47 -17.15
C PRO A 112 11.52 19.54 -17.32
N VAL A 113 10.40 19.40 -16.62
CA VAL A 113 9.33 20.39 -16.66
C VAL A 113 9.00 20.88 -15.27
N ARG A 114 8.14 21.89 -15.17
CA ARG A 114 7.76 22.47 -13.90
C ARG A 114 6.83 21.58 -13.08
N VAL A 115 7.13 21.50 -11.78
CA VAL A 115 6.36 20.71 -10.83
C VAL A 115 6.34 21.45 -9.51
N CYS A 116 5.33 21.17 -8.69
CA CYS A 116 5.24 21.81 -7.38
C CYS A 116 6.20 21.12 -6.43
N ASP A 117 6.38 21.67 -5.25
CA ASP A 117 7.30 21.08 -4.29
C ASP A 117 6.88 19.67 -3.88
N ALA A 118 5.58 19.47 -3.68
CA ALA A 118 5.07 18.16 -3.28
C ALA A 118 5.35 17.07 -4.32
N CYS A 119 5.03 17.36 -5.57
CA CYS A 119 5.24 16.41 -6.64
C CYS A 119 6.72 16.23 -6.89
N PHE A 120 7.50 17.26 -6.63
CA PHE A 120 8.95 17.17 -6.83
C PHE A 120 9.54 16.11 -5.90
N ASN A 121 9.23 16.20 -4.62
CA ASN A 121 9.74 15.27 -3.63
C ASN A 121 9.19 13.86 -3.78
N ASP A 122 8.03 13.72 -4.43
CA ASP A 122 7.40 12.42 -4.66
C ASP A 122 8.23 11.62 -5.66
N LEU A 123 8.62 12.27 -6.75
CA LEU A 123 9.42 11.62 -7.78
C LEU A 123 10.75 11.13 -7.20
N GLN A 124 10.90 11.36 -5.89
CA GLN A 124 12.10 11.01 -5.13
C GLN A 124 13.23 11.95 -5.50
N GLY A 125 12.94 12.87 -6.43
CA GLY A 125 13.90 13.85 -6.89
C GLY A 125 13.35 14.66 -8.04
N GLN B 3 -9.52 -41.17 55.79
CA GLN B 3 -10.63 -41.31 54.85
C GLN B 3 -11.12 -39.93 54.39
N ASP B 4 -11.38 -39.03 55.31
CA ASP B 4 -11.79 -37.68 54.87
C ASP B 4 -10.67 -37.03 54.07
N GLU B 5 -9.46 -37.47 54.43
CA GLU B 5 -8.22 -37.01 53.76
C GLU B 5 -8.16 -37.53 52.33
N ARG B 6 -8.53 -38.79 52.15
CA ARG B 6 -8.55 -39.40 50.81
C ARG B 6 -9.64 -38.77 49.95
N ARG B 7 -10.78 -38.50 50.59
CA ARG B 7 -11.93 -37.88 49.91
C ARG B 7 -11.53 -36.51 49.35
N ALA B 8 -10.94 -35.67 50.20
CA ALA B 8 -10.52 -34.34 49.80
C ALA B 8 -9.57 -34.38 48.61
N LEU B 9 -8.52 -35.19 48.70
CA LEU B 9 -7.54 -35.32 47.63
C LEU B 9 -8.14 -35.61 46.27
N LEU B 10 -9.03 -36.59 46.22
CA LEU B 10 -9.68 -36.98 44.97
C LEU B 10 -10.38 -35.78 44.34
N GLU B 11 -11.01 -34.97 45.18
CA GLU B 11 -11.72 -33.77 44.73
C GLU B 11 -10.74 -32.76 44.14
N ARG B 12 -9.75 -32.41 44.94
CA ARG B 12 -8.71 -31.49 44.55
C ARG B 12 -8.29 -31.86 43.14
N CYS B 13 -7.99 -33.14 42.95
CA CYS B 13 -7.56 -33.70 41.66
C CYS B 13 -8.58 -33.62 40.53
N LEU B 14 -9.82 -33.97 40.83
CA LEU B 14 -10.89 -33.90 39.85
C LEU B 14 -11.09 -32.48 39.35
N LYS B 15 -11.15 -31.54 40.30
CA LYS B 15 -11.29 -30.12 39.97
C LYS B 15 -10.13 -29.65 39.09
N GLY B 16 -8.95 -30.15 39.44
CA GLY B 16 -7.75 -29.83 38.69
C GLY B 16 -7.91 -30.28 37.26
N GLU B 17 -8.37 -31.52 37.09
CA GLU B 17 -8.58 -32.07 35.76
C GLU B 17 -9.65 -31.26 35.01
N GLY B 18 -10.67 -30.79 35.74
CA GLY B 18 -11.71 -30.01 35.11
C GLY B 18 -11.13 -28.75 34.51
N GLU B 19 -10.40 -28.01 35.34
CA GLU B 19 -9.76 -26.74 34.96
C GLU B 19 -8.75 -26.86 33.83
N ILE B 20 -8.07 -27.99 33.76
CA ILE B 20 -7.09 -28.24 32.71
C ILE B 20 -7.80 -28.31 31.37
N GLU B 21 -8.87 -29.10 31.31
CA GLU B 21 -9.65 -29.26 30.09
C GLU B 21 -10.04 -27.91 29.52
N LYS B 22 -10.62 -27.09 30.40
CA LYS B 22 -11.02 -25.75 29.99
C LYS B 22 -9.82 -25.01 29.40
N LEU B 23 -8.70 -25.05 30.12
CA LEU B 23 -7.48 -24.39 29.68
C LEU B 23 -6.92 -24.88 28.36
N GLN B 24 -7.05 -26.18 28.09
CA GLN B 24 -6.53 -26.74 26.86
C GLN B 24 -7.33 -26.29 25.65
N THR B 25 -8.64 -26.18 25.82
CA THR B 25 -9.51 -25.73 24.73
C THR B 25 -9.18 -24.26 24.46
N LYS B 26 -9.01 -23.48 25.53
CA LYS B 26 -8.68 -22.07 25.42
C LYS B 26 -7.33 -21.90 24.71
N VAL B 27 -6.39 -22.79 24.99
CA VAL B 27 -5.08 -22.73 24.36
C VAL B 27 -5.25 -22.90 22.86
N LEU B 28 -6.05 -23.89 22.47
CA LEU B 28 -6.26 -24.12 21.05
C LEU B 28 -7.08 -23.04 20.38
N GLU B 29 -7.94 -22.39 21.15
CA GLU B 29 -8.73 -21.33 20.58
C GLU B 29 -7.79 -20.18 20.22
N LEU B 30 -6.98 -19.77 21.20
CA LEU B 30 -6.02 -18.70 20.98
C LEU B 30 -5.03 -18.99 19.87
N GLN B 31 -4.74 -20.26 19.65
CA GLN B 31 -3.81 -20.62 18.61
C GLN B 31 -4.51 -20.50 17.25
N ARG B 32 -5.76 -20.92 17.20
CA ARG B 32 -6.55 -20.86 15.97
C ARG B 32 -6.61 -19.41 15.53
N LYS B 33 -6.95 -18.52 16.47
CA LYS B 33 -7.05 -17.10 16.19
C LYS B 33 -5.70 -16.50 15.82
N LEU B 34 -4.64 -16.90 16.52
CA LEU B 34 -3.31 -16.40 16.22
C LEU B 34 -2.82 -16.88 14.87
N ASP B 35 -3.30 -18.04 14.43
CA ASP B 35 -2.90 -18.59 13.13
C ASP B 35 -3.65 -17.89 12.01
N ASN B 36 -4.91 -17.55 12.26
CA ASN B 36 -5.74 -16.87 11.29
C ASN B 36 -5.31 -15.41 11.08
N THR B 37 -4.92 -14.76 12.17
CA THR B 37 -4.47 -13.39 12.11
C THR B 37 -3.10 -13.33 11.47
N THR B 38 -2.22 -14.24 11.86
CA THR B 38 -0.87 -14.26 11.30
C THR B 38 -0.94 -14.52 9.79
N ALA B 39 -2.00 -15.19 9.35
CA ALA B 39 -2.19 -15.47 7.93
C ALA B 39 -2.77 -14.26 7.24
N ALA B 40 -3.64 -13.54 7.94
CA ALA B 40 -4.25 -12.34 7.39
C ALA B 40 -3.24 -11.22 7.30
N VAL B 41 -2.28 -11.22 8.21
CA VAL B 41 -1.24 -10.20 8.23
C VAL B 41 -0.39 -10.29 6.98
N GLN B 42 0.16 -11.47 6.71
CA GLN B 42 1.00 -11.69 5.54
C GLN B 42 0.25 -11.37 4.25
N GLU B 43 -1.04 -11.66 4.24
CA GLU B 43 -1.87 -11.41 3.08
C GLU B 43 -2.10 -9.94 2.76
N LEU B 44 -2.48 -9.18 3.78
CA LEU B 44 -2.70 -7.75 3.60
C LEU B 44 -1.39 -7.02 3.41
N GLY B 45 -0.32 -7.58 3.98
CA GLY B 45 0.99 -6.98 3.88
C GLY B 45 1.47 -7.01 2.42
N ARG B 46 1.28 -8.15 1.79
CA ARG B 46 1.67 -8.34 0.41
C ARG B 46 0.83 -7.39 -0.49
N GLU B 47 -0.42 -7.16 -0.08
CA GLU B 47 -1.33 -6.26 -0.81
C GLU B 47 -0.79 -4.84 -0.83
N ASN B 48 -0.49 -4.32 0.35
CA ASN B 48 0.05 -2.96 0.49
C ASN B 48 1.41 -2.79 -0.19
N GLN B 49 2.19 -3.87 -0.18
CA GLN B 49 3.51 -3.86 -0.79
C GLN B 49 3.32 -3.73 -2.29
N SER B 50 2.37 -4.50 -2.81
CA SER B 50 2.06 -4.49 -4.24
C SER B 50 1.60 -3.12 -4.73
N LEU B 51 0.95 -2.37 -3.84
CA LEU B 51 0.46 -1.03 -4.15
C LEU B 51 1.62 -0.07 -4.04
N GLN B 52 2.49 -0.36 -3.08
CA GLN B 52 3.70 0.47 -2.93
C GLN B 52 4.56 0.35 -4.18
N ILE B 53 4.68 -0.92 -4.60
CA ILE B 53 5.44 -1.27 -5.82
C ILE B 53 4.87 -0.50 -7.01
N LYS B 54 3.58 -0.69 -7.28
CA LYS B 54 2.91 -0.04 -8.41
C LYS B 54 3.04 1.48 -8.27
N HIS B 55 3.05 1.99 -7.05
CA HIS B 55 3.16 3.42 -6.81
C HIS B 55 4.56 3.95 -7.06
N THR B 56 5.55 3.23 -6.56
CA THR B 56 6.95 3.60 -6.73
C THR B 56 7.34 3.42 -8.20
N GLN B 57 6.75 2.42 -8.83
CA GLN B 57 7.00 2.08 -10.22
C GLN B 57 6.53 3.21 -11.15
N ALA B 58 5.53 3.96 -10.71
CA ALA B 58 5.02 5.09 -11.48
C ALA B 58 5.80 6.36 -11.13
N LEU B 59 6.20 6.46 -9.87
CA LEU B 59 6.95 7.62 -9.36
C LEU B 59 8.43 7.50 -9.75
N ASN B 60 8.71 6.74 -10.79
CA ASN B 60 10.07 6.56 -11.28
C ASN B 60 10.12 6.49 -12.80
N ARG B 61 8.97 6.70 -13.44
CA ARG B 61 8.87 6.68 -14.89
C ARG B 61 9.31 7.98 -15.51
N LYS B 62 10.15 7.86 -16.52
CA LYS B 62 10.66 9.01 -17.23
C LYS B 62 10.49 8.75 -18.72
N TRP B 63 10.71 9.79 -19.51
CA TRP B 63 10.62 9.71 -20.95
C TRP B 63 11.70 8.71 -21.38
N ALA B 64 11.28 7.51 -21.76
CA ALA B 64 12.19 6.45 -22.19
C ALA B 64 13.08 6.85 -23.36
N GLU B 65 14.37 6.53 -23.26
CA GLU B 65 15.32 6.84 -24.32
C GLU B 65 15.07 5.90 -25.49
N ASP B 66 15.02 6.46 -26.70
CA ASP B 66 14.78 5.71 -27.93
C ASP B 66 15.74 4.54 -28.16
N ASN B 67 16.99 4.74 -27.77
CA ASN B 67 18.04 3.72 -27.92
C ASN B 67 17.81 2.49 -27.06
N GLU B 68 17.13 2.69 -25.93
CA GLU B 68 16.85 1.61 -24.99
C GLU B 68 15.53 0.87 -25.21
N VAL B 69 14.87 1.15 -26.32
CA VAL B 69 13.60 0.50 -26.67
C VAL B 69 13.62 0.20 -28.18
N GLN B 70 13.80 -1.08 -28.51
CA GLN B 70 13.85 -1.50 -29.90
C GLN B 70 12.56 -2.11 -30.41
N ASN B 71 11.51 -2.07 -29.59
CA ASN B 71 10.21 -2.65 -29.95
C ASN B 71 9.03 -1.98 -29.23
N CYS B 72 7.90 -1.87 -29.94
CA CYS B 72 6.70 -1.26 -29.38
C CYS B 72 6.31 -1.96 -28.10
N MET B 73 6.35 -1.19 -27.01
CA MET B 73 6.01 -1.68 -25.67
C MET B 73 4.61 -2.30 -25.61
N ALA B 74 3.92 -2.32 -26.74
CA ALA B 74 2.56 -2.85 -26.80
C ALA B 74 2.34 -4.02 -27.76
N CYS B 75 2.93 -3.97 -28.96
CA CYS B 75 2.72 -5.06 -29.90
C CYS B 75 4.00 -5.79 -30.30
N GLY B 76 5.10 -5.42 -29.66
CA GLY B 76 6.37 -6.04 -29.97
C GLY B 76 6.93 -5.61 -31.31
N LYS B 77 6.07 -4.99 -32.13
CA LYS B 77 6.46 -4.50 -33.46
C LYS B 77 7.80 -3.80 -33.37
N GLY B 78 8.75 -4.22 -34.21
CA GLY B 78 10.08 -3.63 -34.21
C GLY B 78 10.16 -2.33 -34.98
N PHE B 79 10.97 -1.41 -34.48
CA PHE B 79 11.14 -0.11 -35.12
C PHE B 79 12.12 -0.18 -36.26
N SER B 80 11.81 0.54 -37.33
CA SER B 80 12.68 0.56 -38.51
C SER B 80 12.84 2.01 -38.97
N VAL B 81 13.41 2.19 -40.15
CA VAL B 81 13.59 3.52 -40.70
C VAL B 81 12.19 4.07 -40.96
N THR B 82 11.27 3.19 -41.33
CA THR B 82 9.90 3.57 -41.61
C THR B 82 8.98 3.46 -40.39
N VAL B 83 9.27 2.50 -39.51
CA VAL B 83 8.48 2.32 -38.30
C VAL B 83 9.08 3.23 -37.22
N ARG B 84 8.59 4.47 -37.20
CA ARG B 84 9.07 5.48 -36.27
C ARG B 84 8.67 5.24 -34.81
N ARG B 85 9.37 5.93 -33.92
CA ARG B 85 9.13 5.84 -32.49
C ARG B 85 8.24 6.98 -32.03
N HIS B 86 7.42 6.71 -31.03
CA HIS B 86 6.50 7.69 -30.45
C HIS B 86 6.39 7.44 -28.95
N HIS B 87 6.10 8.49 -28.19
CA HIS B 87 5.98 8.40 -26.74
C HIS B 87 4.58 8.64 -26.19
N CYS B 88 4.26 7.95 -25.09
CA CYS B 88 2.98 8.12 -24.40
C CYS B 88 3.32 9.09 -23.28
N ARG B 89 2.59 10.19 -23.22
CA ARG B 89 2.83 11.21 -22.21
C ARG B 89 2.44 10.88 -20.79
N GLN B 90 1.75 9.75 -20.58
CA GLN B 90 1.33 9.35 -19.24
C GLN B 90 2.30 8.36 -18.57
N CYS B 91 2.80 7.39 -19.34
CA CYS B 91 3.73 6.41 -18.81
C CYS B 91 5.17 6.61 -19.26
N GLY B 92 5.34 7.39 -20.34
CA GLY B 92 6.66 7.69 -20.86
C GLY B 92 7.30 6.62 -21.71
N ASN B 93 6.54 5.57 -22.04
CA ASN B 93 7.03 4.46 -22.83
C ASN B 93 6.97 4.75 -24.32
N ILE B 94 7.61 3.89 -25.10
CA ILE B 94 7.65 4.05 -26.55
C ILE B 94 6.72 3.09 -27.32
N PHE B 95 6.00 3.61 -28.31
CA PHE B 95 5.06 2.82 -29.11
C PHE B 95 5.10 3.19 -30.59
N CYS B 96 4.58 2.29 -31.42
CA CYS B 96 4.52 2.58 -32.84
C CYS B 96 3.33 3.49 -32.98
N ALA B 97 3.16 4.10 -34.16
CA ALA B 97 2.05 5.00 -34.38
C ALA B 97 0.70 4.31 -34.20
N GLU B 98 0.67 3.02 -34.49
CA GLU B 98 -0.57 2.23 -34.38
C GLU B 98 -0.99 1.90 -32.96
N CYS B 99 -0.04 1.87 -32.03
CA CYS B 99 -0.34 1.57 -30.63
C CYS B 99 -0.36 2.81 -29.74
N SER B 100 -0.38 3.98 -30.38
CA SER B 100 -0.42 5.26 -29.68
C SER B 100 -1.11 6.30 -30.56
N ALA B 101 -2.16 5.87 -31.24
CA ALA B 101 -2.93 6.71 -32.15
C ALA B 101 -3.99 7.57 -31.46
N LYS B 102 -4.08 7.48 -30.14
CA LYS B 102 -5.08 8.24 -29.40
C LYS B 102 -4.48 9.37 -28.55
N ASN B 103 -5.29 10.39 -28.32
CA ASN B 103 -4.92 11.55 -27.51
C ASN B 103 -5.87 11.59 -26.33
N ALA B 104 -5.36 12.03 -25.19
CA ALA B 104 -6.18 12.14 -23.98
C ALA B 104 -5.70 13.30 -23.13
N LEU B 105 -6.54 13.68 -22.17
CA LEU B 105 -6.24 14.77 -21.25
C LEU B 105 -5.43 14.30 -20.07
N THR B 106 -4.28 14.93 -19.87
CA THR B 106 -3.38 14.60 -18.78
C THR B 106 -3.09 15.87 -18.00
N PRO B 107 -2.54 15.74 -16.79
CA PRO B 107 -2.21 16.89 -15.94
C PRO B 107 -0.95 17.62 -16.41
N SER B 108 -0.29 17.07 -17.43
CA SER B 108 0.94 17.67 -17.96
C SER B 108 0.74 18.77 -19.00
N SER B 109 -0.47 18.89 -19.53
CA SER B 109 -0.77 19.86 -20.57
C SER B 109 -2.26 20.17 -20.61
N LYS B 110 -2.60 21.33 -21.18
CA LYS B 110 -4.00 21.75 -21.31
C LYS B 110 -4.66 21.02 -22.48
N LYS B 111 -3.89 20.76 -23.53
CA LYS B 111 -4.37 20.09 -24.72
C LYS B 111 -4.15 18.58 -24.65
N PRO B 112 -5.01 17.80 -25.32
CA PRO B 112 -4.86 16.35 -25.30
C PRO B 112 -3.50 15.95 -25.87
N VAL B 113 -2.86 14.98 -25.22
CA VAL B 113 -1.55 14.50 -25.64
C VAL B 113 -1.57 13.03 -26.02
N ARG B 114 -0.60 12.62 -26.81
CA ARG B 114 -0.48 11.24 -27.25
C ARG B 114 -0.27 10.32 -26.07
N VAL B 115 -1.11 9.28 -26.01
CA VAL B 115 -1.04 8.27 -24.96
C VAL B 115 -1.29 6.93 -25.64
N CYS B 116 -0.83 5.85 -25.02
CA CYS B 116 -1.02 4.51 -25.56
C CYS B 116 -2.46 4.07 -25.26
N ASP B 117 -2.90 3.02 -25.94
CA ASP B 117 -4.25 2.50 -25.74
C ASP B 117 -4.51 2.21 -24.26
N ALA B 118 -3.50 1.67 -23.59
CA ALA B 118 -3.60 1.32 -22.18
C ALA B 118 -3.95 2.52 -21.30
N CYS B 119 -3.11 3.55 -21.34
CA CYS B 119 -3.31 4.75 -20.56
C CYS B 119 -4.57 5.53 -20.95
N PHE B 120 -4.94 5.46 -22.22
CA PHE B 120 -6.14 6.15 -22.69
C PHE B 120 -7.33 5.56 -21.92
N ASN B 121 -7.62 4.29 -22.19
CA ASN B 121 -8.73 3.61 -21.51
C ASN B 121 -8.47 3.60 -20.01
N ASP B 122 -7.22 3.86 -19.61
CA ASP B 122 -6.85 3.90 -18.20
C ASP B 122 -7.39 5.19 -17.59
N LEU B 123 -7.31 6.28 -18.35
CA LEU B 123 -7.83 7.57 -17.92
C LEU B 123 -9.30 7.60 -18.33
N GLN B 124 -9.95 6.45 -18.11
CA GLN B 124 -11.36 6.22 -18.45
C GLN B 124 -11.74 6.79 -19.81
N GLY B 125 -10.90 6.51 -20.80
CA GLY B 125 -11.14 7.00 -22.13
C GLY B 125 -10.80 8.47 -22.23
#